data_8E51
#
_entry.id   8E51
#
_cell.length_a   75.816
_cell.length_b   75.816
_cell.length_c   242.680
_cell.angle_alpha   90.000
_cell.angle_beta   90.000
_cell.angle_gamma   120.000
#
_symmetry.space_group_name_H-M   'P 32 2 1'
#
loop_
_entity.id
_entity.type
_entity.pdbx_description
1 polymer Protocadherin-15
2 polymer Cadherin-23
3 non-polymer 'CALCIUM ION'
4 non-polymer 'POTASSIUM ION'
5 water water
#
loop_
_entity_poly.entity_id
_entity_poly.type
_entity_poly.pdbx_seq_one_letter_code
_entity_poly.pdbx_strand_id
1 'polypeptide(L)'
;MSSKSQDSDDWQYEECKLSRTGPPATIVAIDEESPNGTVLVENMQINGRAEDPHRTISLSLRDNYGHWVILDPVKQRLYL
NSTGRVLDRDPPSYIHSIVVQVQCTNELVGTVILHEVRIVVRDRNDNPPRFQQPRYYVAINELTPVGTTIFSGFSGNNGA
VDIDDGPNGQIEYTIQYNPYDPTANRTFDIPLTLSGSVVLRERLNYEEITRYLVIIQANDRAPDPKERLTATTTLTVDVL
DGDDLGPLEHHHHHH
;
C
2 'polypeptide(L)'
;MFNQPPRFQNYFFQSYLLIYENTPVGSSITQLTAVDPDGEPLIFGVVGEEASRFFAVQENTGVVWLRQPLDRETKSEMQV
VFSVSDSQGVVKDTVNIQIGDVNDNAPTFHNQPYTVNIPEDTSVGTSIFMVNATDPDQGTGGSVLFSFQPPSPFFSIDGA
RGIITVSRLLDYEVTSAYQLTVNATDQDKLHPLSSLANLAITLSDIQDRDLEHHHHHH
;
B
#
# COMPACT_ATOMS: atom_id res chain seq x y z
N SER A 8 -2.58 30.68 -29.83
CA SER A 8 -2.14 29.71 -28.80
C SER A 8 -0.61 29.69 -28.70
N ASP A 9 -0.11 30.07 -27.52
CA ASP A 9 1.22 29.68 -27.08
C ASP A 9 1.07 28.71 -25.91
N ASP A 10 1.36 27.42 -26.19
CA ASP A 10 1.08 26.31 -25.27
C ASP A 10 2.03 26.32 -24.07
N TRP A 11 2.98 27.28 -24.04
CA TRP A 11 4.04 27.27 -23.04
C TRP A 11 3.43 27.36 -21.63
N GLN A 12 2.10 27.49 -21.55
CA GLN A 12 1.41 27.87 -20.32
C GLN A 12 0.30 26.88 -19.92
N TYR A 13 -0.15 26.02 -20.85
CA TYR A 13 -1.01 24.89 -20.52
C TYR A 13 -0.19 23.76 -19.85
N GLU A 14 1.12 23.75 -20.16
CA GLU A 14 2.05 22.70 -19.77
C GLU A 14 2.64 22.93 -18.38
N GLU A 15 2.44 24.13 -17.83
CA GLU A 15 2.70 24.34 -16.41
C GLU A 15 1.75 23.45 -15.62
N CYS A 16 2.28 22.94 -14.51
CA CYS A 16 1.55 22.12 -13.55
C CYS A 16 1.59 20.65 -13.92
N LYS A 17 1.98 20.30 -15.14
CA LYS A 17 2.22 18.92 -15.52
C LYS A 17 3.56 18.44 -14.96
N LEU A 18 3.84 17.13 -15.15
CA LEU A 18 5.05 16.53 -14.61
C LEU A 18 6.09 16.42 -15.71
N SER A 19 7.35 16.77 -15.38
CA SER A 19 8.49 16.73 -16.29
C SER A 19 9.31 15.46 -16.09
N ARG A 20 8.84 14.57 -15.20
CA ARG A 20 9.36 13.20 -15.07
C ARG A 20 8.44 12.25 -15.82
N THR A 21 8.73 10.95 -15.76
CA THR A 21 7.85 9.95 -16.35
C THR A 21 7.52 8.89 -15.29
N GLY A 22 6.88 7.81 -15.72
CA GLY A 22 6.41 6.81 -14.77
C GLY A 22 4.95 7.11 -14.40
N PRO A 23 4.46 6.65 -13.22
CA PRO A 23 3.04 6.74 -12.90
C PRO A 23 2.67 8.14 -12.43
N PRO A 24 1.37 8.53 -12.54
CA PRO A 24 0.91 9.83 -12.05
C PRO A 24 1.24 10.10 -10.58
N ALA A 25 0.94 9.12 -9.71
CA ALA A 25 1.35 9.14 -8.32
C ALA A 25 2.87 9.05 -8.21
N THR A 26 3.40 9.77 -7.22
CA THR A 26 4.80 9.89 -6.88
C THR A 26 5.03 9.04 -5.62
N ILE A 27 5.55 7.81 -5.81
CA ILE A 27 5.68 6.86 -4.72
C ILE A 27 7.10 6.80 -4.15
N VAL A 28 7.21 6.80 -2.82
CA VAL A 28 8.51 6.72 -2.19
C VAL A 28 8.45 5.81 -0.96
N ALA A 29 9.53 5.04 -0.71
CA ALA A 29 9.69 4.23 0.48
C ALA A 29 10.59 4.95 1.47
N ILE A 30 10.24 4.92 2.75
CA ILE A 30 11.16 5.36 3.77
C ILE A 30 11.02 4.49 5.02
N ASP A 31 12.08 4.49 5.83
CA ASP A 31 12.09 3.69 7.03
C ASP A 31 11.17 4.35 8.05
N GLU A 32 10.44 3.51 8.81
CA GLU A 32 9.67 3.94 9.96
C GLU A 32 10.63 4.54 10.99
N GLU A 33 10.07 5.34 11.90
CA GLU A 33 10.84 6.00 12.95
C GLU A 33 12.00 6.76 12.30
N SER A 34 11.79 7.28 11.08
CA SER A 34 12.74 8.22 10.51
C SER A 34 12.75 9.49 11.35
N PRO A 35 13.91 10.18 11.44
CA PRO A 35 14.03 11.43 12.22
C PRO A 35 13.32 12.63 11.58
N ASN A 36 12.86 13.54 12.45
CA ASN A 36 12.25 14.80 12.03
C ASN A 36 13.13 15.50 11.00
N GLY A 37 12.53 15.89 9.86
CA GLY A 37 13.23 16.65 8.84
C GLY A 37 13.64 15.82 7.64
N THR A 38 13.41 14.51 7.69
CA THR A 38 13.80 13.64 6.60
C THR A 38 13.12 14.08 5.31
N VAL A 39 13.97 14.34 4.30
CA VAL A 39 13.58 14.46 2.90
C VAL A 39 12.78 13.23 2.49
N LEU A 40 11.56 13.45 1.94
CA LEU A 40 10.70 12.39 1.42
C LEU A 40 10.73 12.41 -0.11
N VAL A 41 10.43 13.57 -0.66
CA VAL A 41 10.53 13.81 -2.10
C VAL A 41 11.55 14.92 -2.27
N GLU A 42 12.58 14.64 -3.09
CA GLU A 42 13.68 15.58 -3.31
C GLU A 42 13.13 16.76 -4.11
N ASN A 43 12.56 16.41 -5.28
CA ASN A 43 11.98 17.35 -6.21
C ASN A 43 10.73 16.71 -6.86
N MET A 44 9.57 17.40 -6.77
CA MET A 44 8.31 16.90 -7.30
C MET A 44 8.30 16.85 -8.84
N GLN A 45 9.08 17.72 -9.49
CA GLN A 45 9.29 17.72 -10.95
C GLN A 45 8.02 18.18 -11.67
N ILE A 46 7.49 19.28 -11.13
CA ILE A 46 6.35 19.99 -11.69
C ILE A 46 6.89 21.17 -12.50
N ASN A 47 6.47 21.28 -13.78
CA ASN A 47 6.77 22.42 -14.66
C ASN A 47 6.26 23.73 -14.06
N GLY A 48 7.17 24.69 -13.81
CA GLY A 48 6.75 26.01 -13.35
C GLY A 48 7.50 26.46 -12.10
N ARG A 49 7.00 27.52 -11.45
CA ARG A 49 7.83 28.36 -10.61
C ARG A 49 7.05 28.95 -9.44
N ALA A 50 7.00 28.23 -8.33
CA ALA A 50 6.38 28.74 -7.11
C ALA A 50 7.44 29.45 -6.28
N ARG A 55 6.23 34.19 -11.10
CA ARG A 55 5.35 33.15 -10.48
C ARG A 55 4.42 32.59 -11.56
N THR A 56 4.76 31.42 -12.09
CA THR A 56 3.94 30.79 -13.11
C THR A 56 2.98 29.75 -12.49
N ILE A 57 3.12 29.44 -11.19
CA ILE A 57 2.25 28.48 -10.50
C ILE A 57 2.25 28.74 -9.00
N SER A 58 1.43 27.97 -8.29
CA SER A 58 1.58 27.91 -6.85
C SER A 58 1.13 26.53 -6.33
N LEU A 59 1.76 26.11 -5.23
CA LEU A 59 1.70 24.74 -4.74
C LEU A 59 1.24 24.75 -3.30
N SER A 60 0.33 23.84 -2.94
CA SER A 60 0.00 23.60 -1.55
C SER A 60 -0.38 22.14 -1.34
N LEU A 61 -0.54 21.77 -0.06
CA LEU A 61 -0.83 20.40 0.33
C LEU A 61 -2.30 20.27 0.69
N ARG A 62 -2.93 19.20 0.20
CA ARG A 62 -4.22 18.79 0.70
C ARG A 62 -4.11 17.38 1.26
N ASP A 63 -5.13 16.99 2.03
CA ASP A 63 -5.29 15.67 2.60
C ASP A 63 -4.09 15.30 3.48
N ASN A 64 -3.55 16.29 4.21
CA ASN A 64 -2.35 16.11 5.02
C ASN A 64 -2.71 15.96 6.50
N TYR A 65 -3.21 14.78 6.90
CA TYR A 65 -3.71 14.55 8.25
C TYR A 65 -2.54 14.26 9.19
N GLY A 66 -2.58 14.88 10.38
CA GLY A 66 -1.49 14.84 11.34
C GLY A 66 -0.27 15.62 10.87
N HIS A 67 -0.46 16.48 9.85
CA HIS A 67 0.61 17.26 9.24
C HIS A 67 1.92 16.46 9.22
N TRP A 68 1.93 15.35 8.50
CA TRP A 68 3.12 14.51 8.43
C TRP A 68 4.09 15.05 7.39
N VAL A 69 3.60 15.90 6.49
CA VAL A 69 4.42 16.39 5.40
C VAL A 69 4.53 17.91 5.50
N ILE A 70 5.75 18.45 5.33
CA ILE A 70 5.95 19.88 5.12
C ILE A 70 6.34 20.09 3.67
N LEU A 71 5.86 21.21 3.11
CA LEU A 71 6.19 21.61 1.75
C LEU A 71 7.09 22.85 1.78
N ASP A 72 8.14 22.82 0.94
CA ASP A 72 8.85 24.00 0.46
C ASP A 72 8.56 24.18 -1.03
N PRO A 73 7.69 25.16 -1.40
CA PRO A 73 7.22 25.29 -2.78
C PRO A 73 8.28 25.57 -3.84
N VAL A 74 9.32 26.33 -3.45
CA VAL A 74 10.33 26.87 -4.37
C VAL A 74 11.21 25.72 -4.85
N LYS A 75 11.62 24.89 -3.89
CA LYS A 75 12.40 23.69 -4.15
C LYS A 75 11.51 22.58 -4.75
N GLN A 76 10.25 22.45 -4.25
CA GLN A 76 9.32 21.39 -4.65
C GLN A 76 9.68 20.07 -3.94
N ARG A 77 9.70 20.15 -2.59
CA ARG A 77 10.43 19.24 -1.71
C ARG A 77 9.61 18.98 -0.44
N LEU A 78 9.35 17.70 -0.15
CA LEU A 78 8.52 17.33 0.98
C LEU A 78 9.42 16.82 2.11
N TYR A 79 9.14 17.28 3.34
CA TYR A 79 9.91 16.93 4.51
C TYR A 79 8.99 16.20 5.50
N LEU A 80 9.56 15.37 6.36
CA LEU A 80 8.79 14.70 7.40
C LEU A 80 8.71 15.59 8.64
N ASN A 81 7.48 15.90 9.03
CA ASN A 81 7.20 16.65 10.24
C ASN A 81 6.99 15.67 11.41
N SER A 82 7.98 15.62 12.31
CA SER A 82 8.05 14.54 13.28
C SER A 82 8.26 15.00 14.71
N THR A 83 8.69 16.24 14.96
CA THR A 83 8.95 16.65 16.34
C THR A 83 7.69 16.36 17.15
N GLY A 84 7.87 15.76 18.33
CA GLY A 84 6.79 15.43 19.25
C GLY A 84 6.55 13.92 19.41
N ARG A 85 6.90 13.13 18.39
CA ARG A 85 6.31 11.82 18.18
C ARG A 85 7.22 10.98 17.27
N VAL A 86 6.89 9.68 17.12
CA VAL A 86 7.63 8.81 16.22
C VAL A 86 6.71 8.29 15.12
N LEU A 87 7.26 8.10 13.92
CA LEU A 87 6.56 7.49 12.81
C LEU A 87 6.58 5.97 12.95
N ASP A 88 5.53 5.39 13.57
CA ASP A 88 5.54 4.00 13.98
C ASP A 88 4.62 3.21 13.03
N ARG A 89 5.19 2.19 12.38
CA ARG A 89 4.46 1.31 11.49
C ARG A 89 3.82 0.15 12.25
N ASP A 90 4.44 -0.25 13.36
CA ASP A 90 4.00 -1.41 14.12
C ASP A 90 2.77 -1.00 14.93
N PRO A 91 1.93 -1.96 15.42
CA PRO A 91 0.97 -1.70 16.50
C PRO A 91 1.57 -0.97 17.70
N PRO A 92 0.85 -0.04 18.38
CA PRO A 92 -0.54 0.31 18.06
C PRO A 92 -0.84 1.22 16.86
N SER A 93 0.16 1.97 16.35
CA SER A 93 0.04 3.04 15.37
C SER A 93 -0.38 2.59 13.97
N TYR A 94 0.20 1.49 13.47
CA TYR A 94 -0.16 0.89 12.19
C TYR A 94 -0.09 1.89 11.02
N ILE A 95 0.96 2.73 10.98
CA ILE A 95 1.18 3.62 9.86
C ILE A 95 2.02 2.90 8.79
N HIS A 96 1.32 2.18 7.90
CA HIS A 96 1.88 1.51 6.73
C HIS A 96 2.20 2.49 5.60
N SER A 97 1.44 3.57 5.47
CA SER A 97 1.64 4.52 4.38
C SER A 97 0.91 5.83 4.69
N ILE A 98 1.44 6.92 4.11
CA ILE A 98 0.90 8.27 4.19
C ILE A 98 0.63 8.75 2.77
N VAL A 99 -0.59 9.24 2.50
CA VAL A 99 -0.97 9.81 1.21
C VAL A 99 -1.34 11.28 1.38
N VAL A 100 -0.68 12.17 0.64
CA VAL A 100 -1.09 13.56 0.56
C VAL A 100 -1.22 13.93 -0.91
N GLN A 101 -1.81 15.09 -1.16
CA GLN A 101 -1.95 15.62 -2.50
C GLN A 101 -1.16 16.92 -2.58
N VAL A 102 -0.34 17.05 -3.63
CA VAL A 102 0.28 18.32 -3.96
C VAL A 102 -0.60 18.98 -5.01
N GLN A 103 -1.28 20.09 -4.59
CA GLN A 103 -2.13 20.86 -5.48
C GLN A 103 -1.37 21.97 -6.20
N CYS A 104 -1.41 21.88 -7.53
CA CYS A 104 -0.75 22.84 -8.39
C CYS A 104 -1.81 23.76 -9.01
N THR A 105 -1.90 24.99 -8.54
CA THR A 105 -2.70 25.99 -9.23
C THR A 105 -1.86 26.70 -10.29
N ASN A 106 -2.20 26.46 -11.56
CA ASN A 106 -1.62 27.14 -12.72
C ASN A 106 -2.11 28.60 -12.80
N GLU A 107 -1.17 29.56 -12.81
CA GLU A 107 -1.49 30.94 -12.52
C GLU A 107 -1.70 31.73 -13.82
N LEU A 108 -1.43 31.08 -14.96
CA LEU A 108 -1.66 31.71 -16.25
C LEU A 108 -3.09 31.42 -16.73
N VAL A 109 -3.41 30.15 -16.95
CA VAL A 109 -4.64 29.73 -17.60
C VAL A 109 -5.75 29.38 -16.60
N GLY A 110 -5.37 29.07 -15.35
CA GLY A 110 -6.33 28.78 -14.28
C GLY A 110 -6.53 27.30 -13.91
N THR A 111 -5.94 26.34 -14.65
CA THR A 111 -6.08 24.92 -14.33
C THR A 111 -5.63 24.58 -12.89
N VAL A 112 -6.27 23.55 -12.33
CA VAL A 112 -5.82 22.92 -11.08
C VAL A 112 -5.59 21.43 -11.32
N ILE A 113 -4.41 20.97 -10.85
CA ILE A 113 -3.99 19.58 -10.98
C ILE A 113 -3.56 19.11 -9.59
N LEU A 114 -3.88 17.83 -9.32
CA LEU A 114 -3.55 17.19 -8.05
C LEU A 114 -2.56 16.07 -8.31
N HIS A 115 -1.42 16.20 -7.63
CA HIS A 115 -0.32 15.27 -7.74
C HIS A 115 -0.25 14.51 -6.42
N GLU A 116 -0.65 13.24 -6.49
CA GLU A 116 -0.69 12.39 -5.33
C GLU A 116 0.74 11.99 -5.00
N VAL A 117 1.00 12.00 -3.70
CA VAL A 117 2.21 11.47 -3.13
C VAL A 117 1.85 10.38 -2.13
N ARG A 118 2.38 9.17 -2.37
CA ARG A 118 2.23 7.99 -1.53
C ARG A 118 3.55 7.62 -0.86
N ILE A 119 3.64 7.79 0.45
CA ILE A 119 4.82 7.37 1.20
C ILE A 119 4.56 6.01 1.84
N VAL A 120 5.30 5.01 1.34
CA VAL A 120 5.28 3.63 1.81
C VAL A 120 6.34 3.49 2.90
N VAL A 121 5.87 3.21 4.12
CA VAL A 121 6.68 3.23 5.32
C VAL A 121 7.19 1.82 5.58
N ARG A 122 8.52 1.65 5.65
CA ARG A 122 9.14 0.34 5.73
C ARG A 122 9.37 -0.05 7.18
N ASP A 123 9.23 -1.36 7.42
CA ASP A 123 9.31 -1.93 8.74
C ASP A 123 10.77 -2.06 9.14
N ARG A 124 11.09 -1.71 10.40
CA ARG A 124 12.40 -2.00 10.95
C ARG A 124 12.25 -3.06 12.03
N ASN A 125 13.30 -3.87 12.21
CA ASN A 125 13.33 -4.81 13.31
C ASN A 125 13.64 -4.07 14.62
N ASP A 126 12.65 -3.33 15.13
CA ASP A 126 12.84 -2.48 16.29
C ASP A 126 12.10 -3.05 17.51
N ASN A 127 11.60 -4.29 17.40
CA ASN A 127 10.80 -4.92 18.45
C ASN A 127 11.25 -6.36 18.70
N PRO A 128 11.44 -6.82 19.95
CA PRO A 128 11.82 -8.21 20.19
C PRO A 128 10.60 -9.11 20.37
N PRO A 129 10.79 -10.44 20.23
CA PRO A 129 9.75 -11.37 20.62
C PRO A 129 9.47 -11.23 22.11
N ARG A 130 8.18 -11.36 22.48
CA ARG A 130 7.77 -11.32 23.88
C ARG A 130 6.83 -12.49 24.16
N PHE A 131 7.23 -13.34 25.12
CA PHE A 131 6.42 -14.46 25.57
C PHE A 131 5.15 -13.95 26.23
N GLN A 132 4.02 -14.55 25.90
CA GLN A 132 2.74 -14.08 26.40
C GLN A 132 2.55 -14.53 27.84
N GLN A 133 3.34 -15.53 28.31
CA GLN A 133 3.39 -15.93 29.70
C GLN A 133 4.79 -15.66 30.28
N PRO A 134 4.85 -15.33 31.60
CA PRO A 134 6.13 -15.21 32.30
C PRO A 134 6.92 -16.52 32.37
N ARG A 135 6.20 -17.65 32.25
CA ARG A 135 6.80 -18.97 32.35
C ARG A 135 5.78 -20.00 31.86
N TYR A 136 6.29 -21.17 31.48
CA TYR A 136 5.47 -22.24 30.96
C TYR A 136 5.67 -23.53 31.75
N TYR A 137 4.68 -24.41 31.71
CA TYR A 137 4.64 -25.55 32.60
C TYR A 137 3.86 -26.69 31.95
N VAL A 138 4.34 -27.91 32.17
CA VAL A 138 3.57 -29.12 31.87
C VAL A 138 4.00 -30.27 32.80
N ALA A 139 2.99 -31.05 33.17
CA ALA A 139 3.19 -32.27 33.92
C ALA A 139 2.87 -33.47 33.02
N ILE A 140 3.79 -34.44 33.00
CA ILE A 140 3.85 -35.52 32.04
C ILE A 140 4.02 -36.81 32.84
N ASN A 141 3.16 -37.81 32.64
CA ASN A 141 3.34 -39.12 33.25
C ASN A 141 4.56 -39.81 32.67
N GLU A 142 5.25 -40.65 33.47
CA GLU A 142 6.55 -41.20 33.06
C GLU A 142 6.36 -42.30 32.01
N LEU A 143 5.13 -42.82 31.93
CA LEU A 143 4.75 -43.84 30.96
C LEU A 143 4.50 -43.24 29.58
N THR A 144 4.67 -41.93 29.39
CA THR A 144 4.60 -41.34 28.07
C THR A 144 5.62 -41.96 27.12
N PRO A 145 5.16 -42.55 25.98
CA PRO A 145 6.03 -43.05 24.90
C PRO A 145 7.06 -42.04 24.36
N VAL A 146 8.30 -42.48 24.15
CA VAL A 146 9.29 -41.71 23.43
C VAL A 146 8.78 -41.30 22.05
N GLY A 147 8.98 -40.02 21.75
CA GLY A 147 8.60 -39.42 20.46
C GLY A 147 7.36 -38.56 20.55
N THR A 148 6.63 -38.74 21.67
CA THR A 148 5.41 -37.97 21.91
C THR A 148 5.72 -36.49 21.93
N THR A 149 4.79 -35.72 21.39
CA THR A 149 4.80 -34.26 21.43
C THR A 149 4.14 -33.81 22.73
N ILE A 150 4.98 -33.42 23.69
CA ILE A 150 4.56 -33.26 25.07
C ILE A 150 4.20 -31.80 25.36
N PHE A 151 4.42 -30.89 24.40
CA PHE A 151 4.05 -29.49 24.60
C PHE A 151 3.93 -28.75 23.26
N SER A 152 2.76 -28.13 23.06
CA SER A 152 2.44 -27.44 21.81
C SER A 152 2.10 -25.96 22.06
N GLY A 153 2.38 -25.47 23.27
CA GLY A 153 1.90 -24.18 23.72
C GLY A 153 2.71 -23.00 23.17
N PHE A 154 3.88 -23.28 22.54
CA PHE A 154 4.65 -22.22 21.91
C PHE A 154 4.20 -22.02 20.47
N SER A 155 3.49 -23.00 19.90
CA SER A 155 2.69 -22.73 18.72
C SER A 155 1.49 -21.88 19.15
N GLY A 156 0.64 -21.51 18.20
CA GLY A 156 -0.45 -20.59 18.52
C GLY A 156 0.03 -19.17 18.85
N ASN A 157 -0.77 -18.47 19.66
CA ASN A 157 -0.57 -17.06 19.95
C ASN A 157 -0.17 -16.87 21.40
N ASN A 158 0.10 -17.97 22.09
CA ASN A 158 0.42 -17.91 23.51
C ASN A 158 1.90 -18.17 23.76
N GLY A 159 2.68 -18.26 22.67
CA GLY A 159 4.12 -18.41 22.77
C GLY A 159 4.76 -17.03 22.77
N ALA A 160 5.86 -16.90 22.03
CA ALA A 160 6.41 -15.59 21.77
C ALA A 160 5.57 -14.95 20.68
N VAL A 161 5.38 -13.63 20.80
CA VAL A 161 4.81 -12.79 19.75
C VAL A 161 5.79 -11.65 19.44
N ASP A 162 5.93 -11.30 18.15
CA ASP A 162 6.81 -10.23 17.69
C ASP A 162 5.98 -9.30 16.81
N ILE A 163 5.86 -8.03 17.20
CA ILE A 163 4.90 -7.16 16.53
C ILE A 163 5.41 -6.61 15.19
N ASP A 164 6.59 -7.03 14.72
CA ASP A 164 7.12 -6.54 13.45
C ASP A 164 6.45 -7.29 12.29
N ASP A 165 6.93 -7.04 11.06
CA ASP A 165 6.35 -7.57 9.83
C ASP A 165 7.29 -8.60 9.21
N GLY A 166 6.69 -9.63 8.59
CA GLY A 166 7.41 -10.68 7.89
C GLY A 166 8.50 -11.29 8.76
N PRO A 167 9.67 -11.61 8.18
CA PRO A 167 10.78 -12.20 8.94
C PRO A 167 11.14 -11.49 10.23
N ASN A 168 11.05 -10.16 10.24
CA ASN A 168 11.35 -9.38 11.42
C ASN A 168 10.41 -9.73 12.55
N GLY A 169 9.21 -10.25 12.23
CA GLY A 169 8.21 -10.60 13.22
C GLY A 169 7.92 -12.11 13.37
N GLN A 170 8.78 -12.96 12.80
CA GLN A 170 8.60 -14.40 12.74
C GLN A 170 9.62 -15.09 13.65
N ILE A 171 9.21 -16.16 14.32
CA ILE A 171 9.92 -16.66 15.48
C ILE A 171 10.55 -18.02 15.19
N GLU A 172 11.84 -18.15 15.55
CA GLU A 172 12.54 -19.42 15.66
C GLU A 172 12.76 -19.77 17.13
N TYR A 173 12.33 -20.98 17.53
CA TYR A 173 12.40 -21.48 18.88
C TYR A 173 13.53 -22.51 18.97
N THR A 174 14.37 -22.42 20.01
CA THR A 174 15.37 -23.43 20.25
C THR A 174 15.43 -23.71 21.74
N ILE A 175 15.91 -24.92 22.08
CA ILE A 175 16.31 -25.27 23.44
C ILE A 175 17.79 -24.94 23.64
N GLN A 176 18.06 -24.14 24.68
CA GLN A 176 19.40 -23.74 25.08
C GLN A 176 19.87 -24.66 26.20
N TYR A 177 21.21 -24.81 26.31
CA TYR A 177 21.82 -25.59 27.38
C TYR A 177 21.53 -24.90 28.73
N ASN A 178 20.90 -25.61 29.67
CA ASN A 178 20.73 -25.12 31.02
C ASN A 178 21.87 -25.68 31.87
N PRO A 179 22.82 -24.84 32.40
CA PRO A 179 23.85 -25.35 33.31
C PRO A 179 23.33 -25.82 34.68
N TYR A 180 22.16 -25.32 35.13
CA TYR A 180 21.53 -25.81 36.36
C TYR A 180 20.68 -27.07 36.13
N ASP A 181 20.74 -27.67 34.92
CA ASP A 181 19.96 -28.86 34.58
C ASP A 181 20.42 -29.42 33.21
N PRO A 182 21.62 -30.03 33.15
CA PRO A 182 22.23 -30.39 31.86
C PRO A 182 21.50 -31.40 30.97
N THR A 183 20.57 -32.19 31.52
CA THR A 183 19.96 -33.27 30.74
C THR A 183 18.63 -32.84 30.13
N ALA A 184 18.10 -31.67 30.54
CA ALA A 184 16.87 -31.14 29.99
C ALA A 184 16.89 -31.11 28.46
N ASN A 185 17.98 -30.60 27.88
CA ASN A 185 18.12 -30.42 26.45
C ASN A 185 18.51 -31.73 25.74
N ARG A 186 18.76 -32.81 26.48
CA ARG A 186 19.05 -34.10 25.84
C ARG A 186 17.82 -35.01 25.90
N THR A 187 16.91 -34.73 26.83
CA THR A 187 15.67 -35.47 27.00
C THR A 187 14.54 -34.92 26.14
N PHE A 188 14.62 -33.63 25.81
CA PHE A 188 13.64 -32.91 25.01
C PHE A 188 14.30 -32.27 23.79
N ASP A 189 13.48 -32.02 22.76
CA ASP A 189 13.94 -31.42 21.53
C ASP A 189 12.80 -30.60 20.93
N ILE A 190 13.15 -29.46 20.31
CA ILE A 190 12.26 -28.82 19.36
C ILE A 190 12.73 -29.18 17.96
N PRO A 191 12.20 -30.22 17.30
CA PRO A 191 12.74 -30.60 16.00
C PRO A 191 12.53 -29.55 14.89
N LEU A 192 11.45 -28.74 14.96
CA LEU A 192 11.15 -27.68 13.98
C LEU A 192 11.13 -26.29 14.64
N THR A 193 12.09 -25.41 14.30
CA THR A 193 12.26 -24.17 15.08
C THR A 193 11.04 -23.27 14.89
N LEU A 194 10.36 -23.31 13.73
CA LEU A 194 9.22 -22.43 13.47
C LEU A 194 7.94 -22.86 14.18
N SER A 195 7.78 -24.14 14.55
CA SER A 195 6.57 -24.59 15.24
C SER A 195 6.62 -24.31 16.73
N GLY A 196 7.77 -24.67 17.35
CA GLY A 196 7.96 -24.67 18.78
C GLY A 196 7.45 -25.92 19.50
N SER A 197 7.09 -26.97 18.74
CA SER A 197 6.60 -28.17 19.39
C SER A 197 7.77 -28.83 20.10
N VAL A 198 7.49 -29.30 21.32
CA VAL A 198 8.53 -29.96 22.12
C VAL A 198 8.27 -31.47 22.12
N VAL A 199 9.29 -32.25 21.83
CA VAL A 199 9.16 -33.69 21.71
C VAL A 199 10.06 -34.37 22.75
N LEU A 200 9.59 -35.51 23.25
CA LEU A 200 10.32 -36.35 24.17
C LEU A 200 11.27 -37.24 23.39
N ARG A 201 12.57 -37.18 23.73
CA ARG A 201 13.59 -37.98 23.05
C ARG A 201 14.02 -39.22 23.85
N GLU A 202 13.72 -39.27 25.16
CA GLU A 202 14.31 -40.28 26.06
C GLU A 202 13.22 -40.70 27.03
N ARG A 203 13.21 -41.96 27.44
CA ARG A 203 12.18 -42.48 28.33
C ARG A 203 12.33 -41.75 29.66
N LEU A 204 11.21 -41.33 30.25
CA LEU A 204 11.22 -40.65 31.53
C LEU A 204 11.31 -41.69 32.66
N ASN A 205 11.55 -41.23 33.88
CA ASN A 205 11.71 -42.10 35.04
C ASN A 205 11.43 -41.29 36.30
N TYR A 206 10.18 -41.40 36.76
CA TYR A 206 9.77 -40.68 37.95
C TYR A 206 10.75 -40.90 39.08
N GLU A 207 11.25 -42.13 39.21
CA GLU A 207 12.00 -42.54 40.40
C GLU A 207 13.46 -42.13 40.27
N GLU A 208 13.82 -41.34 39.25
CA GLU A 208 15.18 -40.84 39.10
C GLU A 208 15.22 -39.32 39.04
N ILE A 209 14.38 -38.71 38.19
CA ILE A 209 14.24 -37.26 38.03
C ILE A 209 12.76 -36.89 37.93
N THR A 210 12.27 -35.98 38.80
CA THR A 210 10.87 -35.61 38.81
C THR A 210 10.61 -34.25 38.17
N ARG A 211 11.66 -33.53 37.74
CA ARG A 211 11.50 -32.16 37.27
C ARG A 211 12.67 -31.72 36.40
N TYR A 212 12.36 -31.00 35.32
CA TYR A 212 13.36 -30.40 34.44
C TYR A 212 12.99 -28.94 34.21
N LEU A 213 14.04 -28.10 34.08
CA LEU A 213 13.90 -26.70 33.72
C LEU A 213 14.51 -26.56 32.34
N VAL A 214 13.62 -26.42 31.34
CA VAL A 214 14.07 -26.41 29.96
C VAL A 214 14.05 -24.96 29.53
N ILE A 215 15.22 -24.45 29.16
CA ILE A 215 15.33 -23.06 28.78
C ILE A 215 15.08 -22.96 27.29
N ILE A 216 14.12 -22.06 26.94
CA ILE A 216 13.62 -21.94 25.58
C ILE A 216 13.86 -20.51 25.11
N GLN A 217 14.43 -20.42 23.92
CA GLN A 217 14.79 -19.13 23.40
C GLN A 217 13.96 -18.88 22.15
N ALA A 218 13.59 -17.62 21.96
CA ALA A 218 12.91 -17.20 20.75
C ALA A 218 13.74 -16.07 20.13
N ASN A 219 14.14 -16.25 18.88
CA ASN A 219 14.74 -15.17 18.14
C ASN A 219 13.83 -14.88 16.94
N ASP A 220 13.88 -13.64 16.44
CA ASP A 220 13.16 -13.25 15.25
C ASP A 220 14.12 -13.51 14.10
N ARG A 221 13.70 -13.19 12.87
CA ARG A 221 14.44 -13.66 11.71
C ARG A 221 14.69 -12.48 10.77
N ALA A 222 15.05 -11.32 11.32
CA ALA A 222 15.60 -10.22 10.54
C ALA A 222 16.64 -10.77 9.58
N PRO A 223 16.65 -10.39 8.27
CA PRO A 223 17.65 -10.89 7.31
C PRO A 223 19.10 -10.81 7.81
N ASP A 224 19.52 -9.68 8.39
CA ASP A 224 20.90 -9.52 8.84
C ASP A 224 21.00 -10.04 10.26
N PRO A 225 21.76 -11.14 10.52
CA PRO A 225 21.84 -11.74 11.86
C PRO A 225 22.27 -10.84 13.02
N LYS A 226 23.09 -9.82 12.77
CA LYS A 226 23.49 -8.87 13.80
C LYS A 226 22.30 -8.07 14.33
N GLU A 227 21.20 -7.99 13.58
CA GLU A 227 20.05 -7.19 13.99
C GLU A 227 18.96 -8.05 14.61
N ARG A 228 19.17 -9.37 14.76
CA ARG A 228 18.12 -10.21 15.33
C ARG A 228 18.00 -9.99 16.83
N LEU A 229 16.78 -10.13 17.35
CA LEU A 229 16.50 -9.93 18.76
C LEU A 229 16.01 -11.23 19.39
N THR A 230 16.03 -11.28 20.73
CA THR A 230 15.88 -12.52 21.48
C THR A 230 14.97 -12.27 22.69
N ALA A 231 14.29 -13.35 23.11
CA ALA A 231 13.68 -13.51 24.43
C ALA A 231 13.96 -14.92 24.92
N THR A 232 13.87 -15.18 26.23
CA THR A 232 13.96 -16.54 26.75
C THR A 232 12.89 -16.74 27.81
N THR A 233 12.50 -18.00 28.01
CA THR A 233 11.60 -18.39 29.07
C THR A 233 12.02 -19.75 29.60
N THR A 234 11.33 -20.23 30.65
CA THR A 234 11.56 -21.56 31.20
C THR A 234 10.31 -22.39 30.95
N LEU A 235 10.50 -23.62 30.47
CA LEU A 235 9.46 -24.64 30.49
C LEU A 235 9.85 -25.65 31.57
N THR A 236 9.04 -25.65 32.62
CA THR A 236 9.16 -26.55 33.75
C THR A 236 8.37 -27.81 33.41
N VAL A 237 9.08 -28.93 33.26
CA VAL A 237 8.44 -30.23 33.08
C VAL A 237 8.49 -30.97 34.39
N ASP A 238 7.31 -31.18 35.00
CA ASP A 238 7.19 -32.12 36.12
C ASP A 238 6.88 -33.52 35.62
N VAL A 239 7.54 -34.52 36.23
CA VAL A 239 7.29 -35.91 35.87
C VAL A 239 6.35 -36.49 36.93
N LEU A 240 5.26 -37.11 36.45
CA LEU A 240 4.26 -37.75 37.31
C LEU A 240 4.53 -39.25 37.34
N ASP A 241 4.23 -39.86 38.50
CA ASP A 241 4.58 -41.23 38.78
C ASP A 241 3.60 -42.09 38.00
N GLY A 242 4.14 -43.13 37.37
CA GLY A 242 3.41 -43.98 36.46
C GLY A 242 3.32 -45.37 37.08
N ASP A 243 2.10 -45.94 37.04
CA ASP A 243 1.88 -47.33 37.42
C ASP A 243 1.09 -48.06 36.31
N ASP A 244 1.41 -49.35 36.14
CA ASP A 244 0.85 -50.20 35.10
C ASP A 244 0.37 -51.54 35.69
N LEU A 245 -0.69 -52.11 35.09
CA LEU A 245 -1.09 -53.48 35.41
C LEU A 245 0.04 -54.46 35.11
N GLY A 246 0.83 -54.21 34.06
CA GLY A 246 1.92 -55.10 33.71
C GLY A 246 3.16 -54.94 34.59
N PRO A 247 4.32 -55.44 34.15
CA PRO A 247 5.48 -55.55 35.03
C PRO A 247 6.49 -54.40 35.06
N LEU A 248 6.09 -53.23 34.51
CA LEU A 248 7.01 -52.12 34.24
C LEU A 248 7.16 -51.17 35.41
N GLU A 249 6.09 -50.83 36.16
CA GLU A 249 6.14 -49.78 37.18
C GLU A 249 5.47 -50.21 38.51
N ASN B 3 18.95 -28.14 8.72
CA ASN B 3 18.10 -27.43 7.72
C ASN B 3 17.94 -25.97 8.14
N GLN B 4 18.15 -25.07 7.17
CA GLN B 4 17.88 -23.65 7.32
C GLN B 4 16.67 -23.28 6.46
N PRO B 5 15.83 -22.30 6.88
CA PRO B 5 14.62 -21.94 6.14
C PRO B 5 14.86 -21.18 4.83
N PRO B 6 13.85 -21.14 3.93
CA PRO B 6 14.02 -20.37 2.70
C PRO B 6 13.87 -18.88 2.97
N ARG B 7 14.41 -18.07 2.05
CA ARG B 7 14.36 -16.61 2.05
C ARG B 7 13.91 -16.12 0.68
N PHE B 8 12.99 -15.16 0.66
CA PHE B 8 12.58 -14.51 -0.56
C PHE B 8 13.70 -13.60 -1.05
N GLN B 9 13.74 -13.36 -2.36
CA GLN B 9 14.84 -12.65 -2.98
C GLN B 9 14.37 -11.40 -3.74
N ASN B 10 13.07 -11.28 -4.08
CA ASN B 10 12.61 -10.22 -4.98
C ASN B 10 12.71 -8.84 -4.31
N TYR B 11 12.99 -7.85 -5.15
CA TYR B 11 13.25 -6.47 -4.74
C TYR B 11 12.06 -5.92 -3.95
N PHE B 12 10.83 -6.28 -4.38
CA PHE B 12 9.63 -5.62 -3.90
C PHE B 12 9.21 -6.02 -2.48
N PHE B 13 9.88 -6.99 -1.83
CA PHE B 13 9.70 -7.15 -0.38
C PHE B 13 10.41 -6.01 0.36
N GLN B 14 11.30 -5.31 -0.37
CA GLN B 14 12.17 -4.27 0.16
C GLN B 14 11.61 -2.88 -0.12
N SER B 15 10.64 -2.76 -1.03
CA SER B 15 10.01 -1.50 -1.35
C SER B 15 8.49 -1.68 -1.58
N TYR B 16 8.10 -1.81 -2.86
CA TYR B 16 6.72 -2.02 -3.29
C TYR B 16 6.71 -2.59 -4.71
N LEU B 17 5.54 -3.04 -5.14
CA LEU B 17 5.41 -3.55 -6.49
C LEU B 17 4.32 -2.74 -7.18
N LEU B 18 4.65 -2.22 -8.36
CA LEU B 18 3.75 -1.40 -9.14
C LEU B 18 3.05 -2.27 -10.19
N ILE B 19 1.72 -2.29 -10.12
CA ILE B 19 0.91 -2.91 -11.15
C ILE B 19 -0.03 -1.84 -11.68
N TYR B 20 -0.06 -1.65 -13.01
CA TYR B 20 -1.03 -0.76 -13.64
C TYR B 20 -2.40 -1.42 -13.63
N GLU B 21 -3.43 -0.60 -13.43
CA GLU B 21 -4.79 -1.06 -13.23
C GLU B 21 -5.37 -1.70 -14.50
N ASN B 22 -4.75 -1.44 -15.66
CA ASN B 22 -5.27 -1.97 -16.91
C ASN B 22 -4.73 -3.36 -17.22
N THR B 23 -3.81 -3.86 -16.39
CA THR B 23 -3.29 -5.23 -16.52
C THR B 23 -4.46 -6.21 -16.68
N PRO B 24 -4.51 -6.96 -17.81
CA PRO B 24 -5.63 -7.86 -18.09
C PRO B 24 -5.62 -9.17 -17.30
N VAL B 25 -6.83 -9.68 -17.00
CA VAL B 25 -6.99 -10.88 -16.21
C VAL B 25 -6.25 -12.04 -16.88
N GLY B 26 -5.58 -12.87 -16.07
CA GLY B 26 -4.73 -13.94 -16.57
C GLY B 26 -3.28 -13.53 -16.85
N SER B 27 -2.90 -12.26 -16.68
CA SER B 27 -1.52 -11.85 -16.92
C SER B 27 -0.63 -12.27 -15.74
N SER B 28 0.64 -12.58 -16.06
CA SER B 28 1.69 -12.77 -15.07
C SER B 28 2.09 -11.40 -14.55
N ILE B 29 1.92 -11.19 -13.24
CA ILE B 29 2.41 -10.01 -12.56
C ILE B 29 3.93 -10.10 -12.40
N THR B 30 4.42 -11.27 -12.01
CA THR B 30 5.76 -11.37 -11.44
C THR B 30 6.05 -12.84 -11.14
N GLN B 31 7.27 -13.14 -10.69
CA GLN B 31 7.57 -14.51 -10.27
C GLN B 31 8.37 -14.46 -8.97
N LEU B 32 7.77 -15.05 -7.92
CA LEU B 32 8.39 -15.14 -6.61
C LEU B 32 9.66 -15.94 -6.75
N THR B 33 10.73 -15.50 -6.07
CA THR B 33 11.98 -16.25 -6.05
C THR B 33 12.46 -16.41 -4.60
N ALA B 34 13.02 -17.58 -4.31
CA ALA B 34 13.47 -17.91 -2.98
C ALA B 34 14.63 -18.87 -3.10
N VAL B 35 15.59 -18.72 -2.18
CA VAL B 35 16.74 -19.59 -2.06
C VAL B 35 16.52 -20.42 -0.80
N ASP B 36 16.85 -21.72 -0.83
CA ASP B 36 16.95 -22.51 0.38
C ASP B 36 18.40 -23.01 0.56
N PRO B 37 19.10 -22.74 1.68
CA PRO B 37 20.48 -23.24 1.86
C PRO B 37 20.64 -24.74 1.67
N ASP B 38 19.55 -25.49 1.85
CA ASP B 38 19.59 -26.94 1.76
C ASP B 38 19.33 -27.43 0.34
N GLY B 39 19.03 -26.56 -0.63
CA GLY B 39 18.80 -26.99 -2.01
C GLY B 39 17.44 -27.65 -2.24
N GLU B 40 16.61 -27.81 -1.21
CA GLU B 40 15.41 -28.60 -1.38
C GLU B 40 14.34 -27.84 -2.17
N PRO B 41 13.30 -28.53 -2.73
CA PRO B 41 12.25 -27.88 -3.47
C PRO B 41 11.26 -27.19 -2.55
N LEU B 42 10.69 -26.09 -3.07
CA LEU B 42 9.90 -25.11 -2.37
C LEU B 42 8.51 -25.01 -2.95
N ILE B 43 7.57 -24.56 -2.09
CA ILE B 43 6.15 -24.47 -2.39
C ILE B 43 5.72 -23.03 -2.10
N PHE B 44 5.38 -22.31 -3.17
CA PHE B 44 4.97 -20.92 -3.10
C PHE B 44 3.45 -20.80 -3.00
N GLY B 45 2.99 -19.74 -2.34
CA GLY B 45 1.57 -19.45 -2.33
C GLY B 45 1.29 -18.04 -1.86
N VAL B 46 -0.01 -17.72 -1.83
CA VAL B 46 -0.54 -16.46 -1.30
C VAL B 46 -1.35 -16.79 -0.05
N VAL B 47 -1.53 -15.77 0.80
CA VAL B 47 -2.14 -15.92 2.11
C VAL B 47 -3.02 -14.70 2.32
N GLY B 48 -4.25 -14.92 2.81
CA GLY B 48 -5.20 -13.84 3.03
C GLY B 48 -6.46 -14.00 2.19
N GLU B 49 -7.62 -13.66 2.77
CA GLU B 49 -8.91 -13.78 2.09
C GLU B 49 -8.92 -12.87 0.85
N GLU B 50 -8.51 -11.60 1.01
CA GLU B 50 -8.61 -10.61 -0.04
C GLU B 50 -7.59 -10.91 -1.15
N ALA B 51 -6.35 -11.17 -0.73
CA ALA B 51 -5.24 -11.39 -1.65
C ALA B 51 -5.48 -12.54 -2.62
N SER B 52 -6.09 -13.63 -2.13
CA SER B 52 -6.34 -14.86 -2.87
C SER B 52 -7.42 -14.70 -3.93
N ARG B 53 -8.30 -13.71 -3.75
CA ARG B 53 -9.37 -13.46 -4.70
C ARG B 53 -8.79 -12.74 -5.92
N PHE B 54 -7.72 -11.95 -5.72
CA PHE B 54 -7.13 -11.19 -6.82
C PHE B 54 -5.94 -11.90 -7.45
N PHE B 55 -5.21 -12.74 -6.69
CA PHE B 55 -3.95 -13.34 -7.13
C PHE B 55 -3.97 -14.85 -6.96
N ALA B 56 -3.47 -15.55 -8.00
CA ALA B 56 -3.18 -16.96 -7.87
C ALA B 56 -1.67 -17.16 -8.02
N VAL B 57 -1.14 -18.16 -7.30
CA VAL B 57 0.29 -18.46 -7.29
C VAL B 57 0.50 -19.93 -7.64
N GLN B 58 1.31 -20.21 -8.67
CA GLN B 58 1.66 -21.57 -9.04
C GLN B 58 2.73 -22.04 -8.02
N GLU B 59 2.52 -23.23 -7.46
CA GLU B 59 3.27 -23.70 -6.30
C GLU B 59 4.77 -23.85 -6.57
N ASN B 60 5.14 -24.27 -7.79
CA ASN B 60 6.51 -24.70 -8.09
C ASN B 60 7.33 -23.57 -8.70
N THR B 61 6.70 -22.78 -9.56
CA THR B 61 7.40 -21.71 -10.27
C THR B 61 7.38 -20.44 -9.41
N GLY B 62 6.27 -20.23 -8.68
CA GLY B 62 6.06 -19.00 -7.93
C GLY B 62 5.57 -17.85 -8.82
N VAL B 63 5.04 -18.22 -9.98
CA VAL B 63 4.47 -17.28 -10.92
C VAL B 63 3.17 -16.78 -10.29
N VAL B 64 3.07 -15.46 -10.11
CA VAL B 64 1.85 -14.81 -9.67
C VAL B 64 1.02 -14.33 -10.88
N TRP B 65 -0.26 -14.72 -10.98
CA TRP B 65 -1.09 -14.13 -12.03
C TRP B 65 -2.37 -13.53 -11.45
N LEU B 66 -2.96 -12.62 -12.24
CA LEU B 66 -4.17 -11.90 -11.88
C LEU B 66 -5.44 -12.67 -12.25
N ARG B 67 -6.35 -12.84 -11.27
CA ARG B 67 -7.64 -13.50 -11.43
C ARG B 67 -8.75 -12.49 -11.77
N GLN B 68 -9.00 -11.53 -10.87
CA GLN B 68 -9.98 -10.46 -10.96
C GLN B 68 -9.33 -9.19 -11.52
N PRO B 69 -10.04 -8.23 -12.19
CA PRO B 69 -9.41 -6.99 -12.68
C PRO B 69 -9.20 -5.92 -11.59
N LEU B 70 -8.20 -5.07 -11.83
CA LEU B 70 -7.84 -4.02 -10.87
C LEU B 70 -8.46 -2.70 -11.33
N ASP B 71 -8.84 -1.86 -10.37
CA ASP B 71 -9.40 -0.54 -10.64
C ASP B 71 -8.83 0.39 -9.60
N ARG B 72 -7.93 1.28 -10.07
CA ARG B 72 -7.29 2.30 -9.24
C ARG B 72 -8.32 3.18 -8.57
N GLU B 73 -9.44 3.45 -9.27
CA GLU B 73 -10.54 4.24 -8.73
C GLU B 73 -11.25 3.56 -7.55
N THR B 74 -11.19 2.22 -7.39
CA THR B 74 -11.68 1.55 -6.19
C THR B 74 -10.60 1.46 -5.10
N LYS B 75 -9.41 0.96 -5.47
CA LYS B 75 -8.31 0.70 -4.54
C LYS B 75 -6.96 1.00 -5.21
N SER B 76 -6.03 1.62 -4.47
CA SER B 76 -4.73 1.96 -5.04
C SER B 76 -3.57 1.38 -4.22
N GLU B 77 -3.88 0.61 -3.17
CA GLU B 77 -2.89 -0.03 -2.31
C GLU B 77 -3.48 -1.37 -1.86
N MET B 78 -2.65 -2.41 -1.71
CA MET B 78 -3.03 -3.68 -1.09
C MET B 78 -1.82 -4.22 -0.34
N GLN B 79 -1.98 -4.52 0.96
CA GLN B 79 -0.98 -5.30 1.70
C GLN B 79 -1.26 -6.80 1.45
N VAL B 80 -0.43 -7.43 0.61
CA VAL B 80 -0.49 -8.85 0.27
C VAL B 80 0.65 -9.65 0.93
N VAL B 81 0.31 -10.86 1.44
CA VAL B 81 1.22 -11.80 2.09
C VAL B 81 1.45 -12.99 1.16
N PHE B 82 2.74 -13.30 0.90
CA PHE B 82 3.16 -14.46 0.14
C PHE B 82 3.88 -15.45 1.06
N SER B 83 3.83 -16.72 0.66
CA SER B 83 4.39 -17.78 1.49
C SER B 83 5.35 -18.62 0.66
N VAL B 84 6.38 -19.13 1.32
CA VAL B 84 7.24 -20.11 0.69
C VAL B 84 7.68 -21.12 1.74
N SER B 85 7.62 -22.39 1.35
CA SER B 85 7.68 -23.48 2.30
C SER B 85 8.68 -24.56 1.84
N ASP B 86 9.50 -25.04 2.79
CA ASP B 86 10.33 -26.22 2.67
C ASP B 86 9.74 -27.32 3.57
N SER B 87 10.48 -28.40 3.78
CA SER B 87 10.00 -29.53 4.59
C SER B 87 9.80 -29.19 6.08
N GLN B 88 10.40 -28.10 6.60
CA GLN B 88 10.41 -27.76 8.04
C GLN B 88 9.37 -26.68 8.44
N GLY B 89 8.77 -26.00 7.47
CA GLY B 89 7.75 -25.00 7.78
C GLY B 89 7.75 -23.83 6.79
N VAL B 90 6.90 -22.83 7.11
CA VAL B 90 6.53 -21.77 6.18
C VAL B 90 7.18 -20.45 6.58
N VAL B 91 7.71 -19.74 5.59
CA VAL B 91 8.19 -18.36 5.69
C VAL B 91 7.20 -17.44 4.97
N LYS B 92 6.82 -16.31 5.60
CA LYS B 92 5.86 -15.35 5.03
C LYS B 92 6.51 -13.98 5.02
N ASP B 93 6.30 -13.22 3.94
CA ASP B 93 6.66 -11.81 3.88
C ASP B 93 5.55 -11.04 3.16
N THR B 94 5.38 -9.78 3.55
CA THR B 94 4.37 -8.89 2.99
C THR B 94 4.96 -8.02 1.90
N VAL B 95 4.16 -7.80 0.86
CA VAL B 95 4.48 -6.92 -0.24
C VAL B 95 3.45 -5.79 -0.25
N ASN B 96 3.95 -4.55 -0.24
CA ASN B 96 3.11 -3.40 -0.49
C ASN B 96 2.91 -3.29 -2.00
N ILE B 97 1.66 -3.50 -2.46
CA ILE B 97 1.33 -3.41 -3.88
C ILE B 97 0.69 -2.07 -4.13
N GLN B 98 1.14 -1.36 -5.16
CA GLN B 98 0.59 -0.07 -5.54
C GLN B 98 -0.05 -0.22 -6.90
N ILE B 99 -1.32 0.19 -7.05
CA ILE B 99 -1.97 0.16 -8.34
C ILE B 99 -1.71 1.51 -9.00
N GLY B 100 -1.00 1.43 -10.14
CA GLY B 100 -0.68 2.59 -10.95
C GLY B 100 -1.91 3.04 -11.74
N ASP B 101 -2.09 4.36 -11.82
CA ASP B 101 -3.22 4.94 -12.51
C ASP B 101 -2.91 4.94 -14.00
N VAL B 102 -3.95 4.62 -14.76
CA VAL B 102 -4.04 4.91 -16.17
C VAL B 102 -5.24 5.83 -16.37
N ASN B 103 -5.24 6.56 -17.49
CA ASN B 103 -6.36 7.39 -17.91
C ASN B 103 -7.38 6.53 -18.64
N ASP B 104 -8.34 5.98 -17.88
CA ASP B 104 -9.36 5.10 -18.44
C ASP B 104 -10.76 5.66 -18.18
N ASN B 105 -10.87 6.89 -17.64
CA ASN B 105 -12.17 7.55 -17.50
C ASN B 105 -12.19 8.84 -18.31
N ALA B 106 -13.34 9.15 -18.91
CA ALA B 106 -13.51 10.43 -19.57
C ALA B 106 -14.25 11.41 -18.65
N PRO B 107 -14.18 12.73 -18.89
CA PRO B 107 -14.89 13.71 -18.07
C PRO B 107 -16.41 13.47 -18.07
N THR B 108 -17.00 13.61 -16.89
CA THR B 108 -18.43 13.57 -16.73
C THR B 108 -18.94 14.99 -16.46
N PHE B 109 -19.83 15.44 -17.36
CA PHE B 109 -20.57 16.68 -17.19
C PHE B 109 -21.66 16.51 -16.14
N HIS B 110 -21.81 17.52 -15.28
CA HIS B 110 -22.79 17.48 -14.22
C HIS B 110 -23.87 18.51 -14.52
N ASN B 111 -25.02 18.30 -13.89
CA ASN B 111 -26.08 19.31 -13.88
C ASN B 111 -26.71 19.48 -15.27
N GLN B 112 -26.62 18.47 -16.12
CA GLN B 112 -27.23 18.54 -17.43
C GLN B 112 -28.70 18.21 -17.31
N PRO B 113 -29.53 18.61 -18.29
CA PRO B 113 -29.09 19.43 -19.44
C PRO B 113 -28.91 20.94 -19.22
N TYR B 114 -28.13 21.56 -20.10
CA TYR B 114 -27.71 22.96 -20.03
C TYR B 114 -28.53 23.89 -20.94
N THR B 115 -29.29 24.85 -20.36
CA THR B 115 -30.12 25.76 -21.14
C THR B 115 -29.97 27.20 -20.61
N VAL B 116 -30.18 28.18 -21.51
CA VAL B 116 -29.93 29.57 -21.19
C VAL B 116 -30.98 30.39 -21.92
N ASN B 117 -31.49 31.42 -21.25
CA ASN B 117 -32.45 32.32 -21.85
C ASN B 117 -32.05 33.75 -21.48
N ILE B 118 -31.63 34.50 -22.50
CA ILE B 118 -31.12 35.85 -22.33
C ILE B 118 -31.67 36.76 -23.42
N PRO B 119 -31.85 38.06 -23.12
CA PRO B 119 -32.26 39.04 -24.13
C PRO B 119 -31.18 39.26 -25.20
N GLU B 120 -31.63 39.58 -26.41
CA GLU B 120 -30.75 39.82 -27.54
C GLU B 120 -29.83 41.01 -27.28
N ASP B 121 -30.16 41.87 -26.29
CA ASP B 121 -29.43 43.12 -26.07
C ASP B 121 -28.40 42.96 -24.95
N THR B 122 -27.99 41.72 -24.72
CA THR B 122 -27.04 41.41 -23.68
C THR B 122 -25.67 41.90 -24.12
N SER B 123 -25.02 42.64 -23.20
CA SER B 123 -23.76 43.31 -23.47
C SER B 123 -22.65 42.28 -23.68
N VAL B 124 -21.70 42.66 -24.53
CA VAL B 124 -20.45 41.92 -24.71
C VAL B 124 -19.65 41.91 -23.41
N GLY B 125 -19.17 40.72 -23.04
CA GLY B 125 -18.43 40.56 -21.80
C GLY B 125 -19.24 39.81 -20.75
N THR B 126 -20.55 39.68 -20.98
CA THR B 126 -21.46 39.22 -19.94
C THR B 126 -21.29 37.70 -19.79
N SER B 127 -21.19 37.23 -18.53
CA SER B 127 -21.25 35.81 -18.21
C SER B 127 -22.70 35.34 -18.18
N ILE B 128 -22.97 34.18 -18.79
CA ILE B 128 -24.34 33.73 -19.00
C ILE B 128 -24.56 32.27 -18.61
N PHE B 129 -23.48 31.52 -18.35
CA PHE B 129 -23.60 30.17 -17.82
C PHE B 129 -22.23 29.72 -17.30
N MET B 130 -22.23 28.59 -16.57
CA MET B 130 -21.01 27.88 -16.22
C MET B 130 -21.25 26.36 -16.18
N VAL B 131 -20.55 25.64 -17.08
CA VAL B 131 -20.57 24.18 -17.09
C VAL B 131 -19.59 23.67 -16.03
N ASN B 132 -19.79 22.42 -15.62
CA ASN B 132 -18.87 21.80 -14.69
C ASN B 132 -18.81 20.30 -15.01
N ALA B 133 -17.59 19.76 -14.87
CA ALA B 133 -17.30 18.38 -15.15
C ALA B 133 -16.23 17.91 -14.15
N THR B 134 -16.20 16.60 -13.91
CA THR B 134 -15.13 16.00 -13.11
C THR B 134 -14.64 14.77 -13.85
N ASP B 135 -13.49 14.28 -13.36
CA ASP B 135 -12.77 13.16 -13.95
C ASP B 135 -12.01 12.48 -12.81
N PRO B 136 -12.28 11.19 -12.49
CA PRO B 136 -11.62 10.55 -11.34
C PRO B 136 -10.14 10.15 -11.50
N ASP B 137 -9.55 10.25 -12.71
CA ASP B 137 -8.15 9.84 -12.93
C ASP B 137 -7.21 10.80 -12.21
N GLN B 138 -5.93 10.45 -12.10
CA GLN B 138 -4.94 11.20 -11.31
C GLN B 138 -4.18 12.24 -12.14
N GLY B 139 -3.71 13.31 -11.47
CA GLY B 139 -3.02 14.42 -12.12
C GLY B 139 -3.64 14.76 -13.47
N THR B 140 -2.85 14.69 -14.56
CA THR B 140 -3.26 15.29 -15.83
C THR B 140 -4.51 14.59 -16.36
N GLY B 141 -4.65 13.29 -16.09
CA GLY B 141 -5.78 12.53 -16.59
C GLY B 141 -7.10 13.00 -15.99
N GLY B 142 -7.07 13.75 -14.88
CA GLY B 142 -8.28 14.21 -14.23
C GLY B 142 -8.38 15.74 -14.11
N SER B 143 -7.61 16.46 -14.93
CA SER B 143 -7.72 17.91 -15.10
C SER B 143 -8.42 18.17 -16.44
N VAL B 144 -9.49 18.98 -16.41
CA VAL B 144 -10.40 19.11 -17.55
C VAL B 144 -10.28 20.49 -18.21
N LEU B 145 -10.25 20.51 -19.55
CA LEU B 145 -10.32 21.74 -20.31
C LEU B 145 -11.60 21.76 -21.14
N PHE B 146 -12.23 22.94 -21.19
CA PHE B 146 -13.49 23.14 -21.91
C PHE B 146 -13.22 23.95 -23.18
N SER B 147 -13.91 23.58 -24.25
CA SER B 147 -13.86 24.28 -25.52
C SER B 147 -15.20 24.11 -26.23
N PHE B 148 -15.52 24.98 -27.20
CA PHE B 148 -16.65 24.73 -28.08
C PHE B 148 -16.14 24.03 -29.33
N GLN B 149 -16.97 23.12 -29.85
CA GLN B 149 -16.64 22.26 -30.97
C GLN B 149 -17.89 21.96 -31.79
N PRO B 150 -18.18 22.72 -32.86
CA PRO B 150 -17.24 23.72 -33.40
C PRO B 150 -17.18 25.01 -32.60
N PRO B 151 -16.15 25.88 -32.81
CA PRO B 151 -16.10 27.20 -32.17
C PRO B 151 -17.22 28.16 -32.58
N SER B 152 -17.49 29.17 -31.74
CA SER B 152 -18.55 30.11 -32.02
C SER B 152 -17.96 31.51 -32.05
N PRO B 153 -18.27 32.27 -33.11
CA PRO B 153 -17.92 33.69 -33.11
C PRO B 153 -18.69 34.54 -32.09
N PHE B 154 -19.84 34.05 -31.58
CA PHE B 154 -20.73 34.84 -30.72
C PHE B 154 -20.57 34.55 -29.23
N PHE B 155 -20.06 33.36 -28.86
CA PHE B 155 -19.89 33.03 -27.46
C PHE B 155 -18.51 32.40 -27.27
N SER B 156 -17.90 32.63 -26.11
CA SER B 156 -16.70 31.91 -25.76
C SER B 156 -16.77 31.39 -24.32
N ILE B 157 -15.98 30.34 -24.09
CA ILE B 157 -15.97 29.57 -22.86
C ILE B 157 -14.53 29.58 -22.34
N ASP B 158 -14.35 29.95 -21.08
CA ASP B 158 -13.07 29.86 -20.41
C ASP B 158 -12.60 28.41 -20.33
N GLY B 159 -11.37 28.16 -20.81
CA GLY B 159 -10.78 26.83 -20.84
C GLY B 159 -10.79 26.13 -19.47
N ALA B 160 -10.28 26.79 -18.42
CA ALA B 160 -10.20 26.16 -17.11
C ALA B 160 -11.52 26.19 -16.32
N ARG B 161 -12.29 27.29 -16.36
CA ARG B 161 -13.38 27.48 -15.40
C ARG B 161 -14.75 27.11 -16.00
N GLY B 162 -14.84 26.98 -17.33
CA GLY B 162 -16.07 26.57 -18.00
C GLY B 162 -17.13 27.67 -18.07
N ILE B 163 -16.72 28.91 -17.77
CA ILE B 163 -17.59 30.07 -17.75
C ILE B 163 -17.86 30.51 -19.18
N ILE B 164 -19.14 30.77 -19.52
CA ILE B 164 -19.53 31.18 -20.87
C ILE B 164 -19.92 32.65 -20.90
N THR B 165 -19.32 33.38 -21.86
CA THR B 165 -19.52 34.82 -22.04
C THR B 165 -19.97 35.10 -23.48
N VAL B 166 -20.66 36.22 -23.65
CA VAL B 166 -21.02 36.81 -24.94
C VAL B 166 -19.80 37.51 -25.57
N SER B 167 -19.55 37.22 -26.86
CA SER B 167 -18.39 37.73 -27.60
C SER B 167 -18.76 38.93 -28.45
N ARG B 168 -19.75 38.75 -29.34
CA ARG B 168 -20.27 39.76 -30.27
C ARG B 168 -21.71 40.10 -29.92
N LEU B 169 -22.15 41.30 -30.31
CA LEU B 169 -23.53 41.73 -30.15
C LEU B 169 -24.46 40.73 -30.84
N LEU B 170 -25.61 40.45 -30.20
CA LEU B 170 -26.58 39.47 -30.66
C LEU B 170 -27.73 40.17 -31.38
N ASP B 171 -28.56 39.38 -32.08
CA ASP B 171 -29.67 39.93 -32.84
C ASP B 171 -30.77 38.88 -32.98
N TYR B 172 -31.94 39.10 -32.38
CA TYR B 172 -33.00 38.11 -32.41
C TYR B 172 -33.56 37.97 -33.83
N GLU B 173 -33.61 39.09 -34.57
CA GLU B 173 -34.19 39.17 -35.90
C GLU B 173 -33.40 38.27 -36.88
N VAL B 174 -32.09 38.09 -36.64
CA VAL B 174 -31.22 37.25 -37.45
C VAL B 174 -31.22 35.81 -36.91
N THR B 175 -30.78 35.65 -35.64
CA THR B 175 -30.71 34.34 -34.99
C THR B 175 -31.34 34.40 -33.59
N SER B 176 -32.43 33.65 -33.39
CA SER B 176 -33.14 33.71 -32.12
C SER B 176 -32.68 32.61 -31.13
N ALA B 177 -31.80 31.68 -31.56
CA ALA B 177 -31.46 30.49 -30.77
C ALA B 177 -30.19 29.84 -31.33
N TYR B 178 -29.36 29.26 -30.44
CA TYR B 178 -28.08 28.65 -30.78
C TYR B 178 -28.01 27.26 -30.12
N GLN B 179 -27.56 26.23 -30.87
CA GLN B 179 -27.27 24.91 -30.34
C GLN B 179 -25.75 24.71 -30.33
N LEU B 180 -25.10 24.77 -29.17
CA LEU B 180 -23.64 24.67 -29.13
C LEU B 180 -23.22 23.33 -28.53
N THR B 181 -21.98 22.93 -28.81
CA THR B 181 -21.47 21.70 -28.22
C THR B 181 -20.24 22.04 -27.42
N VAL B 182 -20.25 21.63 -26.14
CA VAL B 182 -19.11 21.84 -25.28
C VAL B 182 -18.36 20.52 -25.25
N ASN B 183 -17.06 20.59 -25.53
CA ASN B 183 -16.16 19.46 -25.33
C ASN B 183 -15.44 19.65 -24.00
N ALA B 184 -15.31 18.54 -23.25
CA ALA B 184 -14.52 18.50 -22.03
C ALA B 184 -13.42 17.46 -22.22
N THR B 185 -12.16 17.88 -22.27
CA THR B 185 -11.06 16.94 -22.42
C THR B 185 -10.17 17.00 -21.20
N ASP B 186 -9.67 15.82 -20.81
CA ASP B 186 -8.59 15.75 -19.84
C ASP B 186 -7.28 16.14 -20.55
N GLN B 187 -6.25 16.34 -19.75
CA GLN B 187 -4.97 16.81 -20.25
C GLN B 187 -3.95 15.65 -20.26
N ASP B 188 -4.42 14.40 -20.43
CA ASP B 188 -3.48 13.29 -20.46
C ASP B 188 -2.65 13.40 -21.73
N LYS B 189 -1.32 13.50 -21.53
CA LYS B 189 -0.32 13.66 -22.57
C LYS B 189 -0.45 12.55 -23.62
N LEU B 190 -0.33 11.29 -23.22
CA LEU B 190 -0.33 10.16 -24.15
C LEU B 190 -1.72 9.92 -24.73
N HIS B 191 -2.70 9.57 -23.89
CA HIS B 191 -4.00 9.10 -24.37
C HIS B 191 -5.15 9.92 -23.78
N PRO B 192 -5.47 11.11 -24.34
CA PRO B 192 -6.49 11.99 -23.77
C PRO B 192 -7.92 11.55 -24.11
N LEU B 193 -8.87 11.83 -23.21
CA LEU B 193 -10.25 11.38 -23.34
C LEU B 193 -11.20 12.57 -23.19
N SER B 194 -12.37 12.50 -23.85
CA SER B 194 -13.28 13.64 -23.91
C SER B 194 -14.76 13.25 -23.92
N SER B 195 -15.61 14.24 -23.63
CA SER B 195 -17.05 14.11 -23.72
C SER B 195 -17.65 15.41 -24.24
N LEU B 196 -18.90 15.30 -24.69
CA LEU B 196 -19.67 16.37 -25.32
C LEU B 196 -20.90 16.68 -24.46
N ALA B 197 -21.25 17.96 -24.29
CA ALA B 197 -22.56 18.36 -23.78
C ALA B 197 -23.19 19.45 -24.66
N ASN B 198 -24.48 19.29 -24.89
CA ASN B 198 -25.30 20.26 -25.59
C ASN B 198 -25.45 21.48 -24.69
N LEU B 199 -25.52 22.65 -25.33
CA LEU B 199 -25.87 23.89 -24.67
C LEU B 199 -26.87 24.64 -25.53
N ALA B 200 -28.04 24.95 -24.97
CA ALA B 200 -29.11 25.62 -25.69
C ALA B 200 -29.22 27.05 -25.20
N ILE B 201 -28.92 27.99 -26.12
CA ILE B 201 -29.04 29.41 -25.86
C ILE B 201 -30.22 29.95 -26.67
N THR B 202 -31.37 30.11 -26.02
CA THR B 202 -32.44 30.80 -26.69
C THR B 202 -32.35 32.26 -26.24
N LEU B 203 -32.73 33.14 -27.17
CA LEU B 203 -32.69 34.58 -27.00
C LEU B 203 -34.12 35.08 -26.95
N SER B 204 -34.36 36.12 -26.16
CA SER B 204 -35.68 36.71 -26.09
C SER B 204 -35.63 38.08 -26.76
N ASP B 205 -36.75 38.49 -27.38
CA ASP B 205 -36.81 39.67 -28.23
C ASP B 205 -36.97 40.94 -27.39
N ILE B 206 -36.17 41.98 -27.71
CA ILE B 206 -36.38 43.37 -27.27
C ILE B 206 -36.99 44.15 -28.45
N GLN B 207 -37.60 45.33 -28.20
CA GLN B 207 -38.29 46.13 -29.23
C GLN B 207 -37.35 47.04 -30.04
N ASP B 208 -36.12 47.26 -29.53
CA ASP B 208 -35.02 47.96 -30.21
C ASP B 208 -35.59 49.06 -31.11
#